data_2HKX
#
_entry.id   2HKX
#
_cell.length_a   52.115
_cell.length_b   92.873
_cell.length_c   95.500
_cell.angle_alpha   90.00
_cell.angle_beta   90.00
_cell.angle_gamma   90.00
#
_symmetry.space_group_name_H-M   'P 21 21 21'
#
loop_
_entity.id
_entity.type
_entity.pdbx_description
1 polymer 'Carbon monoxide oxidation system transcription regulator CooA-1'
2 non-polymer 'PROTOPORPHYRIN IX CONTAINING FE'
3 non-polymer 'CARBON MONOXIDE'
4 water water
#
_entity_poly.entity_id   1
_entity_poly.type   'polypeptide(L)'
_entity_poly.pdbx_seq_one_letter_code
;MATQMRLTDTNLLEVLNSEEYSGVLKEFREQRYSKKAILYTPNTERNLVFLVKSGRVRVYLAYEDKEFTLAILEAGDIFC
THTRAFIQAMEDTTILYTDIRNFQNIVVEFPAFSLNMVKVLGDLLKLLLTIINGLVFKDARLRLAEFLVQAAMDTGLKVP
QGIKLELGLNTEEIALMLGTTRQTVSVLLNDFKKMGILERVNQRTLLLKDLQKLKEFSSGV
;
_entity_poly.pdbx_strand_id   A,B
#
# COMPACT_ATOMS: atom_id res chain seq x y z
N ALA A 2 -2.54 -2.38 -8.45
CA ALA A 2 -3.30 -1.74 -7.35
C ALA A 2 -3.38 -0.21 -7.54
N THR A 3 -4.49 0.37 -7.07
CA THR A 3 -4.68 1.82 -7.13
C THR A 3 -5.32 2.32 -5.84
N GLN A 4 -5.49 3.64 -5.80
CA GLN A 4 -6.16 4.34 -4.72
C GLN A 4 -7.66 4.04 -4.69
N MET A 5 -8.19 3.51 -5.80
CA MET A 5 -9.62 3.22 -5.94
C MET A 5 -9.95 1.75 -5.66
N ARG A 6 -8.93 0.89 -5.72
CA ARG A 6 -9.10 -0.55 -5.50
C ARG A 6 -7.77 -1.19 -5.15
N LEU A 7 -7.71 -1.79 -3.96
CA LEU A 7 -6.47 -2.34 -3.40
C LEU A 7 -6.05 -3.71 -3.96
N THR A 8 -6.77 -4.74 -3.55
CA THR A 8 -6.42 -6.12 -3.81
C THR A 8 -7.68 -6.87 -4.21
N ASP A 9 -7.54 -7.79 -5.16
CA ASP A 9 -8.61 -8.73 -5.52
C ASP A 9 -8.76 -9.84 -4.47
N THR A 10 -8.01 -9.74 -3.37
CA THR A 10 -7.93 -10.80 -2.36
C THR A 10 -9.23 -11.02 -1.58
N ASN A 11 -9.57 -12.29 -1.34
CA ASN A 11 -10.87 -12.71 -0.79
C ASN A 11 -10.85 -13.10 0.70
N LEU A 12 -10.84 -12.10 1.57
CA LEU A 12 -10.76 -12.31 3.01
C LEU A 12 -12.14 -12.56 3.65
N LEU A 13 -13.19 -12.55 2.83
CA LEU A 13 -14.54 -12.82 3.31
C LEU A 13 -14.92 -14.30 3.20
N GLU A 14 -14.61 -14.90 2.05
CA GLU A 14 -14.84 -16.34 1.82
C GLU A 14 -14.13 -17.19 2.87
N VAL A 15 -13.04 -16.65 3.40
CA VAL A 15 -12.25 -17.28 4.44
C VAL A 15 -12.99 -17.24 5.77
N LEU A 16 -13.35 -16.03 6.20
CA LEU A 16 -14.01 -15.82 7.50
C LEU A 16 -15.43 -16.42 7.57
N ASN A 17 -15.85 -17.08 6.48
CA ASN A 17 -17.15 -17.74 6.39
C ASN A 17 -17.04 -19.22 5.95
N SER A 18 -15.81 -19.73 5.90
CA SER A 18 -15.52 -21.03 5.29
C SER A 18 -15.81 -22.24 6.19
N GLU A 19 -15.05 -23.31 5.96
CA GLU A 19 -15.16 -24.54 6.74
C GLU A 19 -14.66 -24.35 8.17
N GLU A 20 -13.38 -24.03 8.31
CA GLU A 20 -12.71 -23.98 9.63
C GLU A 20 -13.15 -22.77 10.44
N TYR A 21 -13.32 -21.64 9.74
CA TYR A 21 -13.52 -20.34 10.38
C TYR A 21 -14.99 -20.12 10.78
N SER A 22 -15.23 -20.25 12.15
CA SER A 22 -16.52 -19.87 12.72
C SER A 22 -16.38 -19.42 14.19
N GLY A 23 -15.23 -19.77 14.78
CA GLY A 23 -14.92 -19.37 16.15
C GLY A 23 -14.17 -18.04 16.26
N VAL A 24 -13.53 -17.64 15.14
CA VAL A 24 -12.77 -16.39 15.07
C VAL A 24 -13.68 -15.14 14.82
N LEU A 25 -14.74 -15.45 13.98
CA LEU A 25 -15.80 -14.45 13.71
C LEU A 25 -16.42 -13.96 15.04
N LYS A 26 -16.57 -14.91 16.01
CA LYS A 26 -17.03 -14.62 17.40
C LYS A 26 -16.17 -13.29 17.91
N GLU A 27 -14.82 -13.56 17.83
CA GLU A 27 -13.76 -12.69 18.39
C GLU A 27 -13.75 -11.38 17.53
N PHE A 28 -14.82 -11.21 16.64
CA PHE A 28 -14.97 -9.93 15.95
C PHE A 28 -16.25 -9.22 16.34
N ARG A 29 -16.12 -7.93 16.73
CA ARG A 29 -17.28 -7.10 16.99
C ARG A 29 -17.74 -6.46 15.69
N GLU A 30 -19.04 -6.19 15.59
CA GLU A 30 -19.61 -5.55 14.42
C GLU A 30 -20.00 -4.11 14.76
N GLN A 31 -19.75 -3.19 13.85
CA GLN A 31 -20.22 -1.82 13.97
C GLN A 31 -20.64 -1.32 12.59
N ARG A 32 -21.75 -0.60 12.53
CA ARG A 32 -22.24 -0.10 11.25
C ARG A 32 -22.22 1.43 11.16
N TYR A 33 -22.00 1.93 9.96
CA TYR A 33 -21.79 3.36 9.76
C TYR A 33 -22.63 3.95 8.63
N SER A 34 -23.27 5.07 8.92
CA SER A 34 -23.96 5.83 7.89
C SER A 34 -22.98 6.47 6.90
N LYS A 35 -23.42 6.62 5.66
CA LYS A 35 -22.67 7.31 4.63
C LYS A 35 -22.16 8.65 5.14
N LYS A 36 -20.87 8.92 4.88
CA LYS A 36 -20.18 10.15 5.31
C LYS A 36 -19.75 10.17 6.79
N ALA A 37 -20.12 9.14 7.54
CA ALA A 37 -19.68 9.01 8.93
C ALA A 37 -18.18 8.69 9.01
N ILE A 38 -17.51 9.38 9.92
CA ILE A 38 -16.12 9.10 10.21
C ILE A 38 -16.02 7.88 11.11
N LEU A 39 -15.44 6.80 10.62
CA LEU A 39 -15.21 5.60 11.46
C LEU A 39 -14.12 5.90 12.46
N TYR A 40 -13.01 6.45 11.97
CA TYR A 40 -11.84 6.70 12.81
C TYR A 40 -11.13 7.97 12.44
N THR A 41 -10.50 8.53 13.46
CA THR A 41 -9.77 9.78 13.43
C THR A 41 -8.28 9.41 13.58
N PRO A 42 -7.35 10.33 13.25
CA PRO A 42 -5.93 9.96 13.44
C PRO A 42 -5.56 9.71 14.91
N ASN A 43 -6.09 10.51 15.82
CA ASN A 43 -5.87 10.31 17.25
C ASN A 43 -6.96 9.47 17.93
N THR A 44 -7.21 8.28 17.40
CA THR A 44 -8.05 7.31 18.07
C THR A 44 -7.22 6.73 19.21
N GLU A 45 -7.79 6.68 20.41
CA GLU A 45 -7.11 6.16 21.59
C GLU A 45 -7.03 4.64 21.47
N ARG A 46 -8.06 4.07 20.84
CA ARG A 46 -8.15 2.64 20.60
C ARG A 46 -7.32 2.21 19.39
N ASN A 47 -6.59 1.11 19.54
CA ASN A 47 -5.85 0.54 18.43
C ASN A 47 -6.38 -0.83 17.99
N LEU A 48 -7.04 -0.82 16.84
CA LEU A 48 -7.83 -1.94 16.37
C LEU A 48 -7.36 -2.40 14.99
N VAL A 49 -7.69 -3.64 14.65
CA VAL A 49 -7.68 -4.08 13.26
C VAL A 49 -9.14 -4.32 12.83
N PHE A 50 -9.48 -3.88 11.62
CA PHE A 50 -10.84 -4.03 11.16
C PHE A 50 -10.88 -4.49 9.71
N LEU A 51 -11.95 -5.21 9.37
CA LEU A 51 -12.23 -5.43 7.95
C LEU A 51 -13.63 -5.00 7.57
N VAL A 52 -13.75 -4.49 6.35
CA VAL A 52 -15.02 -4.09 5.77
C VAL A 52 -15.80 -5.35 5.42
N LYS A 53 -16.95 -5.51 6.08
CA LYS A 53 -17.84 -6.64 5.82
C LYS A 53 -18.70 -6.26 4.60
N SER A 54 -19.18 -5.03 4.60
CA SER A 54 -19.98 -4.54 3.50
C SER A 54 -19.82 -3.04 3.35
N GLY A 55 -19.94 -2.57 2.11
CA GLY A 55 -19.80 -1.16 1.79
C GLY A 55 -18.42 -0.81 1.27
N ARG A 56 -17.89 0.31 1.76
CA ARG A 56 -16.82 1.03 1.09
C ARG A 56 -16.33 2.17 1.96
N VAL A 57 -15.06 2.14 2.32
CA VAL A 57 -14.50 3.22 3.12
C VAL A 57 -13.25 3.86 2.47
N ARG A 58 -12.99 5.10 2.88
CA ARG A 58 -12.05 6.00 2.28
C ARG A 58 -10.98 6.29 3.34
N VAL A 59 -9.70 6.11 3.00
CA VAL A 59 -8.63 6.37 3.94
C VAL A 59 -7.98 7.61 3.38
N TYR A 60 -7.86 8.63 4.21
CA TYR A 60 -7.35 9.88 3.69
C TYR A 60 -6.60 10.67 4.72
N LEU A 61 -5.73 11.52 4.19
CA LEU A 61 -5.02 12.49 5.00
C LEU A 61 -5.80 13.80 4.92
N ALA A 62 -5.77 14.63 5.98
CA ALA A 62 -6.40 15.96 6.00
C ALA A 62 -5.49 17.01 6.68
N TYR A 63 -5.58 18.24 6.19
CA TYR A 63 -4.75 19.31 6.68
C TYR A 63 -5.48 20.58 6.31
N GLU A 64 -5.88 21.33 7.34
CA GLU A 64 -6.75 22.48 7.18
C GLU A 64 -8.00 22.10 6.41
N ASP A 65 -8.18 22.70 5.24
CA ASP A 65 -9.39 22.45 4.45
C ASP A 65 -9.11 21.49 3.29
N LYS A 66 -7.90 20.90 3.27
CA LYS A 66 -7.50 20.02 2.21
C LYS A 66 -7.54 18.57 2.64
N GLU A 67 -7.70 17.68 1.66
CA GLU A 67 -7.65 16.24 1.83
C GLU A 67 -6.94 15.56 0.67
N PHE A 68 -6.39 14.38 0.93
CA PHE A 68 -5.79 13.56 -0.10
C PHE A 68 -6.19 12.12 0.19
N THR A 69 -6.87 11.48 -0.75
CA THR A 69 -7.29 10.13 -0.58
C THR A 69 -6.14 9.15 -0.85
N LEU A 70 -5.84 8.30 0.12
CA LEU A 70 -4.78 7.29 -0.03
C LEU A 70 -5.33 6.02 -0.64
N ALA A 71 -6.49 5.61 -0.18
CA ALA A 71 -7.05 4.33 -0.59
C ALA A 71 -8.56 4.31 -0.39
N ILE A 72 -9.21 3.44 -1.16
CA ILE A 72 -10.60 3.06 -0.92
C ILE A 72 -10.62 1.59 -0.50
N LEU A 73 -11.29 1.29 0.61
CA LEU A 73 -11.37 -0.09 1.10
C LEU A 73 -12.74 -0.63 0.76
N GLU A 74 -12.75 -1.82 0.17
CA GLU A 74 -13.96 -2.53 -0.24
C GLU A 74 -14.20 -3.73 0.69
N ALA A 75 -15.34 -4.40 0.53
CA ALA A 75 -15.63 -5.61 1.31
C ALA A 75 -14.53 -6.67 1.13
N GLY A 76 -14.01 -7.18 2.25
CA GLY A 76 -12.86 -8.08 2.22
C GLY A 76 -11.57 -7.42 2.68
N ASP A 77 -11.41 -6.14 2.40
CA ASP A 77 -10.18 -5.41 2.73
C ASP A 77 -10.05 -5.18 4.21
N ILE A 78 -8.81 -4.99 4.65
CA ILE A 78 -8.45 -4.94 6.04
C ILE A 78 -7.52 -3.74 6.31
N PHE A 79 -7.63 -3.17 7.51
CA PHE A 79 -6.87 -1.98 7.89
C PHE A 79 -6.70 -1.93 9.41
N CYS A 80 -6.00 -0.91 9.88
CA CYS A 80 -5.81 -0.68 11.30
C CYS A 80 -6.28 0.74 11.67
N THR A 81 -6.12 1.09 12.94
CA THR A 81 -6.50 2.41 13.44
C THR A 81 -5.28 3.19 13.95
N HIS A 82 -4.10 2.63 13.87
CA HIS A 82 -2.93 3.35 14.39
C HIS A 82 -2.23 4.12 13.29
N THR A 83 -3.02 4.80 12.47
CA THR A 83 -2.52 5.56 11.37
C THR A 83 -2.95 7.02 11.55
N ARG A 84 -2.17 7.95 11.00
CA ARG A 84 -2.51 9.40 10.97
C ARG A 84 -3.66 9.75 10.04
N ALA A 85 -4.30 8.75 9.48
CA ALA A 85 -5.30 9.01 8.47
C ALA A 85 -6.71 8.99 9.02
N PHE A 86 -7.58 9.79 8.38
CA PHE A 86 -9.00 9.70 8.63
C PHE A 86 -9.57 8.52 7.85
N ILE A 87 -10.68 7.99 8.36
CA ILE A 87 -11.36 6.84 7.74
C ILE A 87 -12.85 7.15 7.77
N GLN A 88 -13.44 7.27 6.58
CA GLN A 88 -14.80 7.71 6.41
C GLN A 88 -15.59 6.71 5.57
N ALA A 89 -16.84 6.51 5.95
CA ALA A 89 -17.82 5.79 5.15
C ALA A 89 -18.14 6.58 3.90
N MET A 90 -18.00 5.92 2.74
CA MET A 90 -18.36 6.52 1.47
C MET A 90 -19.79 6.15 1.18
N GLU A 91 -20.27 5.17 1.96
CA GLU A 91 -21.63 4.68 1.93
C GLU A 91 -21.88 3.87 3.21
N ASP A 92 -23.15 3.51 3.42
CA ASP A 92 -23.56 2.62 4.49
C ASP A 92 -22.68 1.37 4.54
N THR A 93 -21.92 1.26 5.63
CA THR A 93 -20.83 0.28 5.76
C THR A 93 -20.98 -0.48 7.09
N THR A 94 -20.63 -1.77 7.06
CA THR A 94 -20.49 -2.58 8.27
C THR A 94 -19.06 -3.09 8.35
N ILE A 95 -18.35 -2.77 9.44
CA ILE A 95 -17.06 -3.38 9.66
C ILE A 95 -17.11 -4.54 10.65
N LEU A 96 -16.03 -5.32 10.68
CA LEU A 96 -15.77 -6.25 11.78
C LEU A 96 -14.42 -5.89 12.41
N TYR A 97 -14.40 -5.59 13.70
CA TYR A 97 -13.17 -5.18 14.36
C TYR A 97 -12.74 -6.06 15.54
N THR A 98 -11.50 -5.90 15.98
CA THR A 98 -10.97 -6.54 17.20
C THR A 98 -9.75 -5.75 17.64
N ASP A 99 -9.56 -5.63 18.96
CA ASP A 99 -8.36 -5.00 19.53
C ASP A 99 -7.11 -5.68 18.95
N ILE A 100 -6.04 -4.92 18.70
CA ILE A 100 -4.81 -5.51 18.09
C ILE A 100 -4.29 -6.77 18.80
N ARG A 101 -4.24 -6.76 20.14
CA ARG A 101 -3.79 -7.93 20.91
C ARG A 101 -4.61 -9.18 20.56
N ASN A 102 -5.91 -9.00 20.39
CA ASN A 102 -6.79 -10.10 19.99
C ASN A 102 -6.47 -10.60 18.59
N PHE A 103 -6.24 -9.67 17.66
CA PHE A 103 -5.85 -10.02 16.28
C PHE A 103 -4.54 -10.79 16.21
N GLN A 104 -3.61 -10.42 17.08
CA GLN A 104 -2.33 -11.09 17.17
C GLN A 104 -2.47 -12.56 17.57
N ASN A 105 -3.52 -12.86 18.34
CA ASN A 105 -3.87 -14.22 18.72
C ASN A 105 -4.52 -15.01 17.57
N ILE A 106 -5.41 -14.36 16.83
CA ILE A 106 -6.12 -14.93 15.68
C ILE A 106 -5.18 -15.36 14.52
N VAL A 107 -4.10 -14.63 14.34
CA VAL A 107 -3.19 -14.89 13.21
C VAL A 107 -2.51 -16.27 13.31
N VAL A 108 -2.23 -16.72 14.54
CA VAL A 108 -1.48 -17.96 14.75
C VAL A 108 -2.40 -19.20 14.78
N GLU A 109 -3.68 -18.98 15.09
CA GLU A 109 -4.68 -20.04 15.06
C GLU A 109 -5.10 -20.33 13.62
N PHE A 110 -4.92 -19.33 12.75
CA PHE A 110 -5.27 -19.42 11.35
C PHE A 110 -4.23 -18.72 10.47
N PRO A 111 -3.29 -19.49 9.91
CA PRO A 111 -2.18 -18.96 9.10
C PRO A 111 -2.62 -18.16 7.87
N ALA A 112 -3.85 -18.38 7.41
CA ALA A 112 -4.37 -17.71 6.22
C ALA A 112 -4.53 -16.20 6.43
N PHE A 113 -4.79 -15.79 7.67
CA PHE A 113 -4.81 -14.39 8.03
C PHE A 113 -3.41 -13.80 7.94
N SER A 114 -2.46 -14.48 8.58
CA SER A 114 -1.07 -14.09 8.53
C SER A 114 -0.63 -13.80 7.10
N LEU A 115 -0.84 -14.80 6.22
CA LEU A 115 -0.49 -14.76 4.81
C LEU A 115 -1.21 -13.64 4.04
N ASN A 116 -2.46 -13.37 4.44
CA ASN A 116 -3.23 -12.26 3.87
C ASN A 116 -2.68 -10.93 4.33
N MET A 117 -2.40 -10.82 5.62
CA MET A 117 -1.95 -9.56 6.16
C MET A 117 -0.58 -9.18 5.57
N VAL A 118 0.24 -10.16 5.19
CA VAL A 118 1.53 -9.86 4.52
C VAL A 118 1.39 -9.41 3.07
N LYS A 119 0.43 -9.99 2.36
CA LYS A 119 0.16 -9.69 0.95
C LYS A 119 -0.44 -8.28 0.82
N VAL A 120 -1.30 -7.92 1.76
CA VAL A 120 -1.91 -6.61 1.85
C VAL A 120 -0.87 -5.53 2.20
N LEU A 121 -0.05 -5.79 3.21
CA LEU A 121 1.05 -4.88 3.53
C LEU A 121 2.04 -4.69 2.36
N GLY A 122 2.40 -5.79 1.71
CA GLY A 122 3.18 -5.77 0.47
C GLY A 122 2.63 -4.79 -0.55
N ASP A 123 1.37 -4.99 -0.93
CA ASP A 123 0.70 -4.14 -1.93
C ASP A 123 0.55 -2.68 -1.51
N LEU A 124 0.29 -2.48 -0.23
CA LEU A 124 0.17 -1.16 0.37
C LEU A 124 1.52 -0.47 0.20
N LEU A 125 2.59 -1.22 0.46
CA LEU A 125 3.95 -0.74 0.27
C LEU A 125 4.17 -0.24 -1.17
N LYS A 126 3.75 -1.03 -2.15
CA LYS A 126 3.93 -0.74 -3.56
C LYS A 126 3.03 0.42 -3.99
N LEU A 127 1.79 0.43 -3.53
CA LEU A 127 0.90 1.58 -3.73
C LEU A 127 1.51 2.88 -3.22
N LEU A 128 1.90 2.94 -1.95
CA LEU A 128 2.55 4.16 -1.44
C LEU A 128 3.79 4.60 -2.23
N LEU A 129 4.66 3.67 -2.66
CA LEU A 129 5.82 4.09 -3.46
C LEU A 129 5.39 4.74 -4.79
N THR A 130 4.31 4.21 -5.37
CA THR A 130 3.66 4.67 -6.59
C THR A 130 3.02 6.05 -6.44
N ILE A 131 2.35 6.30 -5.31
CA ILE A 131 1.79 7.63 -5.06
C ILE A 131 2.95 8.64 -5.00
N ILE A 132 3.94 8.36 -4.15
CA ILE A 132 5.08 9.24 -4.00
C ILE A 132 5.77 9.52 -5.32
N ASN A 133 6.02 8.49 -6.10
CA ASN A 133 6.66 8.65 -7.42
C ASN A 133 5.90 9.60 -8.33
N GLY A 134 4.58 9.43 -8.38
CA GLY A 134 3.71 10.35 -9.08
C GLY A 134 3.82 11.76 -8.54
N LEU A 135 3.72 11.95 -7.23
CA LEU A 135 3.75 13.30 -6.69
C LEU A 135 5.07 13.99 -6.98
N VAL A 136 6.17 13.24 -6.98
CA VAL A 136 7.50 13.85 -7.14
C VAL A 136 7.89 14.13 -8.60
N PHE A 137 7.61 13.19 -9.49
CA PHE A 137 8.14 13.25 -10.85
C PHE A 137 7.08 13.44 -11.94
N LYS A 138 5.80 13.37 -11.62
CA LYS A 138 4.81 13.52 -12.69
C LYS A 138 3.93 14.72 -12.47
N ASP A 139 3.37 15.24 -13.55
CA ASP A 139 2.35 16.28 -13.45
C ASP A 139 0.98 15.64 -13.33
N ALA A 140 -0.07 16.45 -13.16
CA ALA A 140 -1.38 15.88 -12.87
C ALA A 140 -1.86 15.02 -14.01
N ARG A 141 -1.48 15.40 -15.23
CA ARG A 141 -1.87 14.77 -16.47
C ARG A 141 -1.30 13.35 -16.56
N LEU A 142 0.01 13.24 -16.33
CA LEU A 142 0.69 11.97 -16.20
C LEU A 142 0.17 11.13 -15.05
N ARG A 143 -0.16 11.73 -13.90
CA ARG A 143 -0.67 10.91 -12.76
C ARG A 143 -2.03 10.34 -13.10
N LEU A 144 -2.82 11.11 -13.83
CA LEU A 144 -4.14 10.64 -14.27
C LEU A 144 -4.01 9.55 -15.28
N ALA A 145 -3.16 9.76 -16.29
CA ALA A 145 -2.93 8.75 -17.30
C ALA A 145 -2.50 7.40 -16.64
N GLU A 146 -1.54 7.47 -15.71
CA GLU A 146 -1.09 6.27 -14.93
C GLU A 146 -2.21 5.64 -14.08
N PHE A 147 -3.06 6.49 -13.50
CA PHE A 147 -4.20 6.02 -12.73
C PHE A 147 -5.20 5.21 -13.60
N LEU A 148 -5.58 5.79 -14.74
CA LEU A 148 -6.43 5.13 -15.74
C LEU A 148 -5.91 3.81 -16.28
N VAL A 149 -4.66 3.83 -16.74
CA VAL A 149 -3.99 2.65 -17.18
C VAL A 149 -4.01 1.56 -16.08
N GLN A 150 -3.60 1.86 -14.85
CA GLN A 150 -3.64 0.81 -13.79
C GLN A 150 -5.05 0.34 -13.45
N ALA A 151 -5.98 1.30 -13.36
CA ALA A 151 -7.37 1.02 -13.11
C ALA A 151 -7.93 0.10 -14.20
N ALA A 152 -7.49 0.31 -15.43
CA ALA A 152 -7.96 -0.53 -16.57
C ALA A 152 -7.46 -1.95 -16.41
N MET A 153 -6.18 -2.10 -16.01
CA MET A 153 -5.58 -3.44 -15.81
C MET A 153 -6.23 -4.19 -14.66
N ASP A 154 -6.39 -3.53 -13.53
CA ASP A 154 -7.07 -4.13 -12.37
C ASP A 154 -8.54 -4.49 -12.64
N THR A 155 -9.33 -3.54 -13.14
CA THR A 155 -10.80 -3.71 -13.17
C THR A 155 -11.50 -3.39 -14.49
N GLY A 156 -10.72 -3.19 -15.55
CA GLY A 156 -11.34 -2.87 -16.81
C GLY A 156 -12.08 -4.07 -17.35
N LEU A 157 -13.25 -3.83 -17.94
CA LEU A 157 -14.00 -4.87 -18.65
C LEU A 157 -13.88 -4.61 -20.14
N LYS A 158 -13.34 -5.60 -20.85
CA LYS A 158 -13.27 -5.51 -22.29
C LYS A 158 -14.67 -5.60 -22.84
N VAL A 159 -15.01 -4.60 -23.66
CA VAL A 159 -16.24 -4.48 -24.41
C VAL A 159 -15.86 -4.22 -25.89
N PRO A 160 -16.82 -4.33 -26.85
CA PRO A 160 -16.43 -4.03 -28.24
C PRO A 160 -15.88 -2.63 -28.50
N GLN A 161 -16.34 -1.63 -27.73
CA GLN A 161 -15.92 -0.23 -27.92
C GLN A 161 -14.59 0.11 -27.22
N GLY A 162 -13.98 -0.87 -26.56
CA GLY A 162 -12.72 -0.68 -25.82
C GLY A 162 -12.69 -1.38 -24.47
N ILE A 163 -12.35 -0.64 -23.42
CA ILE A 163 -12.33 -1.16 -22.07
C ILE A 163 -13.25 -0.29 -21.23
N LYS A 164 -14.21 -0.94 -20.58
CA LYS A 164 -15.13 -0.23 -19.71
C LYS A 164 -14.51 -0.08 -18.32
N LEU A 165 -14.45 1.15 -17.85
CA LEU A 165 -13.98 1.45 -16.50
C LEU A 165 -15.05 2.10 -15.64
N GLU A 166 -15.67 1.31 -14.77
CA GLU A 166 -16.61 1.80 -13.76
C GLU A 166 -15.89 2.13 -12.48
N LEU A 167 -15.45 3.37 -12.36
CA LEU A 167 -14.68 3.82 -11.18
C LEU A 167 -15.52 3.98 -9.90
N GLY A 168 -16.80 4.32 -10.04
CA GLY A 168 -17.65 4.69 -8.90
C GLY A 168 -17.18 5.98 -8.22
N LEU A 169 -16.48 6.82 -8.98
CA LEU A 169 -15.89 8.09 -8.48
C LEU A 169 -16.20 9.23 -9.45
N ASN A 170 -16.65 10.37 -8.92
CA ASN A 170 -16.77 11.60 -9.71
C ASN A 170 -15.41 12.30 -9.89
N THR A 171 -15.39 13.40 -10.65
CA THR A 171 -14.15 14.15 -10.91
C THR A 171 -13.52 14.71 -9.63
N GLU A 172 -14.35 14.99 -8.63
CA GLU A 172 -13.86 15.53 -7.38
C GLU A 172 -13.12 14.43 -6.59
N GLU A 173 -13.72 13.24 -6.56
CA GLU A 173 -13.13 12.12 -5.88
C GLU A 173 -11.82 11.68 -6.56
N ILE A 174 -11.79 11.73 -7.88
CA ILE A 174 -10.54 11.55 -8.63
C ILE A 174 -9.52 12.62 -8.23
N ALA A 175 -9.91 13.89 -8.25
CA ALA A 175 -9.01 14.97 -7.90
C ALA A 175 -8.34 14.78 -6.53
N LEU A 176 -9.10 14.36 -5.52
CA LEU A 176 -8.54 14.06 -4.21
C LEU A 176 -7.50 12.94 -4.18
N MET A 177 -7.60 11.99 -5.11
CA MET A 177 -6.63 10.89 -5.21
C MET A 177 -5.31 11.29 -5.92
N LEU A 178 -5.44 12.26 -6.82
CA LEU A 178 -4.33 12.78 -7.62
C LEU A 178 -3.63 14.00 -7.05
N GLY A 179 -4.28 14.68 -6.11
CA GLY A 179 -3.75 15.86 -5.47
C GLY A 179 -3.92 17.12 -6.28
N THR A 180 -5.01 17.18 -7.04
CA THR A 180 -5.32 18.35 -7.85
C THR A 180 -6.73 18.83 -7.56
N THR A 181 -7.22 19.77 -8.37
CA THR A 181 -8.60 20.22 -8.27
C THR A 181 -9.49 19.47 -9.24
N ARG A 182 -10.79 19.49 -8.96
CA ARG A 182 -11.81 18.83 -9.74
C ARG A 182 -11.84 19.47 -11.11
N GLN A 183 -11.52 20.77 -11.15
CA GLN A 183 -11.46 21.53 -12.38
C GLN A 183 -10.37 21.01 -13.30
N THR A 184 -9.14 20.89 -12.81
CA THR A 184 -8.05 20.41 -13.71
C THR A 184 -8.26 18.96 -14.21
N VAL A 185 -9.00 18.17 -13.45
CA VAL A 185 -9.32 16.78 -13.80
C VAL A 185 -10.31 16.77 -14.96
N SER A 186 -11.30 17.65 -14.84
CA SER A 186 -12.29 17.83 -15.87
C SER A 186 -11.61 18.20 -17.22
N VAL A 187 -10.71 19.18 -17.18
CA VAL A 187 -9.90 19.59 -18.34
C VAL A 187 -9.06 18.46 -18.95
N LEU A 188 -8.43 17.67 -18.07
CA LEU A 188 -7.57 16.55 -18.46
C LEU A 188 -8.33 15.40 -19.12
N LEU A 189 -9.47 15.02 -18.55
CA LEU A 189 -10.36 14.02 -19.19
C LEU A 189 -10.82 14.45 -20.58
N ASN A 190 -11.19 15.71 -20.71
CA ASN A 190 -11.55 16.31 -22.00
C ASN A 190 -10.42 16.30 -23.05
N ASP A 191 -9.20 16.60 -22.62
CA ASP A 191 -8.03 16.50 -23.46
C ASP A 191 -7.90 15.08 -23.96
N PHE A 192 -8.05 14.10 -23.06
CA PHE A 192 -7.98 12.68 -23.45
C PHE A 192 -9.09 12.29 -24.44
N LYS A 193 -10.29 12.81 -24.21
CA LYS A 193 -11.42 12.64 -25.11
C LYS A 193 -11.12 13.15 -26.52
N LYS A 194 -10.59 14.37 -26.62
CA LYS A 194 -10.16 14.94 -27.91
C LYS A 194 -9.00 14.15 -28.56
N MET A 195 -8.26 13.38 -27.77
CA MET A 195 -7.19 12.53 -28.33
C MET A 195 -7.72 11.19 -28.89
N GLY A 196 -8.98 10.86 -28.63
CA GLY A 196 -9.56 9.56 -29.04
C GLY A 196 -9.30 8.46 -28.01
N ILE A 197 -8.81 8.86 -26.84
CA ILE A 197 -8.42 7.91 -25.78
C ILE A 197 -9.62 7.35 -25.00
N LEU A 198 -10.61 8.20 -24.75
CA LEU A 198 -11.76 7.85 -23.90
C LEU A 198 -12.98 8.70 -24.23
N GLU A 199 -14.15 8.24 -23.78
CA GLU A 199 -15.29 9.10 -23.55
C GLU A 199 -15.89 8.77 -22.18
N ARG A 200 -16.66 9.69 -21.64
CA ARG A 200 -17.44 9.49 -20.43
C ARG A 200 -18.78 8.82 -20.73
N VAL A 201 -19.11 7.84 -19.92
CA VAL A 201 -20.35 7.10 -20.06
C VAL A 201 -21.34 7.72 -19.07
N ASN A 202 -20.86 8.00 -17.87
CA ASN A 202 -21.52 8.91 -16.93
C ASN A 202 -20.47 9.63 -16.05
N GLN A 203 -20.95 10.20 -14.95
CA GLN A 203 -20.14 10.92 -13.98
C GLN A 203 -19.18 9.97 -13.27
N ARG A 204 -19.54 8.69 -13.25
CA ARG A 204 -18.70 7.66 -12.60
C ARG A 204 -17.98 6.63 -13.46
N THR A 205 -18.44 6.41 -14.70
CA THR A 205 -17.75 5.47 -15.60
C THR A 205 -17.18 6.09 -16.90
N LEU A 206 -16.08 5.49 -17.38
CA LEU A 206 -15.34 5.91 -18.57
C LEU A 206 -15.24 4.78 -19.59
N LEU A 207 -15.07 5.16 -20.85
CA LEU A 207 -14.79 4.25 -21.94
C LEU A 207 -13.39 4.53 -22.47
N LEU A 208 -12.51 3.54 -22.33
CA LEU A 208 -11.16 3.63 -22.82
C LEU A 208 -11.16 3.05 -24.22
N LYS A 209 -11.27 3.94 -25.21
CA LYS A 209 -11.32 3.56 -26.63
C LYS A 209 -9.95 3.12 -27.18
N ASP A 210 -8.88 3.61 -26.54
CA ASP A 210 -7.50 3.37 -27.02
C ASP A 210 -6.55 3.37 -25.84
N LEU A 211 -6.40 2.20 -25.23
CA LEU A 211 -5.51 2.05 -24.10
C LEU A 211 -4.05 2.18 -24.48
N GLN A 212 -3.66 1.73 -25.67
CA GLN A 212 -2.24 1.73 -25.99
C GLN A 212 -1.74 3.16 -26.14
N LYS A 213 -2.54 4.00 -26.78
CA LYS A 213 -2.23 5.43 -26.90
C LYS A 213 -2.13 6.09 -25.53
N LEU A 214 -2.90 5.59 -24.56
CA LEU A 214 -2.82 6.08 -23.19
C LEU A 214 -1.58 5.53 -22.46
N LYS A 215 -1.33 4.22 -22.60
CA LYS A 215 -0.05 3.63 -22.17
C LYS A 215 1.15 4.35 -22.79
N GLU A 216 1.07 4.63 -24.08
CA GLU A 216 2.12 5.36 -24.82
C GLU A 216 2.23 6.82 -24.37
N PHE A 217 1.15 7.36 -23.83
CA PHE A 217 1.17 8.74 -23.33
C PHE A 217 1.89 8.81 -21.99
N SER A 218 1.55 7.87 -21.10
CA SER A 218 2.13 7.88 -19.75
C SER A 218 3.57 7.37 -19.79
N SER A 219 4.11 7.24 -21.01
CA SER A 219 5.53 7.01 -21.27
C SER A 219 5.81 7.11 -22.78
N ALA B 2 0.63 -4.72 32.23
CA ALA B 2 1.96 -5.39 32.32
C ALA B 2 1.86 -6.82 31.84
N THR B 3 2.60 -7.15 30.80
CA THR B 3 2.70 -8.52 30.33
C THR B 3 4.19 -8.91 30.27
N GLN B 4 4.47 -10.20 30.14
CA GLN B 4 5.85 -10.65 29.94
C GLN B 4 6.29 -10.34 28.50
N MET B 5 7.60 -10.22 28.31
CA MET B 5 8.18 -10.02 26.97
C MET B 5 8.07 -11.32 26.18
N ARG B 6 7.48 -11.23 24.99
CA ARG B 6 7.38 -12.39 24.11
C ARG B 6 8.24 -12.25 22.85
N LEU B 7 8.46 -13.37 22.17
CA LEU B 7 9.18 -13.39 20.89
C LEU B 7 8.56 -12.46 19.86
N THR B 8 7.25 -12.33 19.93
CA THR B 8 6.50 -11.40 19.09
C THR B 8 6.92 -9.92 19.27
N ASP B 9 7.62 -9.60 20.37
CA ASP B 9 8.09 -8.22 20.67
C ASP B 9 9.57 -8.02 20.41
N THR B 10 10.23 -9.01 19.83
CA THR B 10 11.67 -8.90 19.62
C THR B 10 11.93 -8.51 18.17
N ASN B 11 13.16 -8.09 17.86
CA ASN B 11 13.47 -7.68 16.50
C ASN B 11 13.64 -8.90 15.58
N LEU B 12 13.47 -8.73 14.29
CA LEU B 12 13.41 -9.88 13.36
C LEU B 12 14.65 -10.74 13.41
N LEU B 13 15.81 -10.15 13.70
CA LEU B 13 17.05 -10.91 13.74
C LEU B 13 17.11 -11.81 14.99
N GLU B 14 16.71 -11.27 16.14
CA GLU B 14 16.68 -12.03 17.40
C GLU B 14 15.83 -13.30 17.21
N VAL B 15 14.59 -13.09 16.77
CA VAL B 15 13.65 -14.17 16.42
C VAL B 15 14.26 -15.20 15.48
N LEU B 16 14.72 -14.73 14.32
CA LEU B 16 15.39 -15.57 13.33
C LEU B 16 16.57 -16.35 13.89
N ASN B 17 17.32 -15.75 14.83
CA ASN B 17 18.44 -16.44 15.47
C ASN B 17 18.05 -16.98 16.85
N SER B 18 16.81 -17.45 16.95
CA SER B 18 16.34 -18.17 18.12
C SER B 18 16.12 -19.63 17.72
N GLU B 19 16.11 -20.52 18.70
CA GLU B 19 16.14 -21.96 18.41
C GLU B 19 15.01 -22.52 17.53
N GLU B 20 13.78 -22.05 17.74
CA GLU B 20 12.65 -22.62 17.00
C GLU B 20 12.58 -22.13 15.54
N TYR B 21 13.25 -21.01 15.28
CA TYR B 21 13.34 -20.47 13.93
C TYR B 21 14.64 -20.85 13.21
N SER B 22 15.32 -21.89 13.68
CA SER B 22 16.58 -22.32 13.06
C SER B 22 16.38 -22.91 11.65
N GLY B 23 15.33 -23.73 11.49
CA GLY B 23 14.94 -24.23 10.17
C GLY B 23 14.34 -23.17 9.27
N VAL B 24 14.15 -21.96 9.81
CA VAL B 24 13.66 -20.82 9.04
C VAL B 24 14.84 -20.03 8.50
N LEU B 25 15.83 -19.82 9.37
CA LEU B 25 17.04 -19.09 9.02
C LEU B 25 17.72 -19.70 7.80
N LYS B 26 17.66 -21.03 7.70
CA LYS B 26 18.23 -21.78 6.56
C LYS B 26 17.62 -21.36 5.22
N GLU B 27 16.34 -21.00 5.24
CA GLU B 27 15.62 -20.55 4.03
C GLU B 27 16.27 -19.33 3.41
N PHE B 28 16.92 -18.54 4.25
CA PHE B 28 17.55 -17.31 3.83
C PHE B 28 18.99 -17.55 3.40
N ARG B 29 19.38 -16.84 2.35
CA ARG B 29 20.73 -16.89 1.86
C ARG B 29 21.34 -15.53 2.18
N GLU B 30 22.59 -15.54 2.58
CA GLU B 30 23.25 -14.29 2.96
C GLU B 30 24.04 -13.73 1.79
N GLN B 31 23.97 -12.41 1.62
CA GLN B 31 24.70 -11.69 0.58
C GLN B 31 25.33 -10.43 1.15
N ARG B 32 26.53 -10.12 0.69
CA ARG B 32 27.27 -8.97 1.18
C ARG B 32 27.57 -7.95 0.08
N TYR B 33 27.33 -6.67 0.38
CA TYR B 33 27.52 -5.55 -0.55
C TYR B 33 28.49 -4.52 0.05
N SER B 34 29.33 -3.94 -0.79
CA SER B 34 30.22 -2.84 -0.36
C SER B 34 29.56 -1.46 -0.48
N LYS B 35 30.07 -0.51 0.31
CA LYS B 35 29.66 0.89 0.24
C LYS B 35 29.39 1.37 -1.17
N LYS B 36 28.15 1.77 -1.42
CA LYS B 36 27.69 2.43 -2.65
C LYS B 36 27.19 1.47 -3.74
N ALA B 37 27.38 0.17 -3.53
CA ALA B 37 26.83 -0.83 -4.46
C ALA B 37 25.30 -0.72 -4.58
N ILE B 38 24.79 -0.92 -5.78
CA ILE B 38 23.36 -1.04 -6.02
C ILE B 38 22.93 -2.50 -5.88
N LEU B 39 22.19 -2.76 -4.82
CA LEU B 39 21.60 -4.09 -4.59
C LEU B 39 20.55 -4.42 -5.64
N TYR B 40 19.54 -3.57 -5.76
CA TYR B 40 18.34 -3.87 -6.54
C TYR B 40 17.80 -2.65 -7.24
N THR B 41 17.15 -2.90 -8.39
CA THR B 41 16.50 -1.86 -9.19
C THR B 41 15.01 -2.23 -9.41
N PRO B 42 14.17 -1.28 -9.87
CA PRO B 42 12.78 -1.59 -10.25
C PRO B 42 12.70 -2.65 -11.36
N ASN B 43 13.86 -3.01 -11.89
CA ASN B 43 13.99 -3.95 -13.02
C ASN B 43 14.34 -5.38 -12.60
N THR B 44 14.95 -5.56 -11.43
CA THR B 44 15.27 -6.89 -10.89
C THR B 44 14.09 -7.85 -11.10
N GLU B 45 14.33 -8.93 -11.85
CA GLU B 45 13.28 -9.86 -12.24
C GLU B 45 12.89 -10.78 -11.09
N ARG B 46 13.87 -11.19 -10.30
CA ARG B 46 13.62 -12.02 -9.13
C ARG B 46 12.74 -11.28 -8.14
N ASN B 47 11.67 -11.94 -7.68
CA ASN B 47 10.78 -11.43 -6.64
C ASN B 47 11.17 -12.00 -5.28
N LEU B 48 11.84 -11.16 -4.49
CA LEU B 48 12.54 -11.57 -3.29
C LEU B 48 12.18 -10.68 -2.10
N VAL B 49 12.16 -11.26 -0.91
CA VAL B 49 12.08 -10.51 0.33
C VAL B 49 13.44 -10.62 0.99
N PHE B 50 13.89 -9.52 1.59
CA PHE B 50 15.20 -9.46 2.19
C PHE B 50 15.17 -8.64 3.48
N LEU B 51 16.09 -8.95 4.40
CA LEU B 51 16.28 -8.11 5.54
C LEU B 51 17.71 -7.73 5.71
N VAL B 52 17.92 -6.53 6.22
CA VAL B 52 19.24 -6.05 6.57
C VAL B 52 19.74 -6.76 7.83
N LYS B 53 20.89 -7.40 7.67
CA LYS B 53 21.57 -8.04 8.78
C LYS B 53 22.48 -7.03 9.45
N SER B 54 23.23 -6.31 8.63
CA SER B 54 24.16 -5.30 9.13
C SER B 54 24.42 -4.26 8.05
N GLY B 55 24.79 -3.04 8.47
CA GLY B 55 24.98 -1.92 7.55
C GLY B 55 23.69 -1.14 7.31
N ARG B 56 23.65 -0.39 6.23
CA ARG B 56 22.44 0.29 5.85
C ARG B 56 22.32 0.56 4.39
N VAL B 57 21.07 0.71 4.01
CA VAL B 57 20.62 0.62 2.66
C VAL B 57 19.67 1.82 2.40
N ARG B 58 19.94 2.59 1.35
CA ARG B 58 19.13 3.76 0.91
C ARG B 58 18.09 3.26 -0.08
N VAL B 59 16.82 3.54 0.18
CA VAL B 59 15.72 3.22 -0.75
C VAL B 59 15.34 4.55 -1.41
N TYR B 60 15.32 4.60 -2.74
CA TYR B 60 15.13 5.85 -3.48
C TYR B 60 14.37 5.62 -4.78
N LEU B 61 13.64 6.64 -5.23
CA LEU B 61 13.05 6.65 -6.58
C LEU B 61 13.99 7.38 -7.51
N ALA B 62 14.04 6.95 -8.76
CA ALA B 62 14.88 7.65 -9.73
C ALA B 62 14.10 7.94 -10.99
N TYR B 63 14.38 9.10 -11.56
CA TYR B 63 13.76 9.47 -12.82
C TYR B 63 14.69 10.41 -13.58
N GLU B 64 15.09 9.96 -14.77
CA GLU B 64 16.02 10.71 -15.61
C GLU B 64 17.30 10.97 -14.81
N ASP B 65 17.70 12.23 -14.63
CA ASP B 65 18.92 12.54 -13.85
C ASP B 65 18.63 12.88 -12.38
N LYS B 66 17.42 12.54 -11.93
CA LYS B 66 16.94 12.91 -10.60
C LYS B 66 16.74 11.68 -9.68
N GLU B 67 16.94 11.90 -8.39
CA GLU B 67 16.67 10.89 -7.36
C GLU B 67 15.83 11.50 -6.23
N PHE B 68 14.96 10.66 -5.65
CA PHE B 68 14.21 11.06 -4.48
C PHE B 68 14.36 9.93 -3.46
N THR B 69 15.04 10.22 -2.36
CA THR B 69 15.30 9.22 -1.32
C THR B 69 14.09 9.02 -0.40
N LEU B 70 13.64 7.79 -0.27
CA LEU B 70 12.48 7.45 0.57
C LEU B 70 12.81 7.12 2.03
N ALA B 71 13.92 6.43 2.24
CA ALA B 71 14.21 5.88 3.57
C ALA B 71 15.58 5.26 3.59
N ILE B 72 16.14 5.18 4.79
CA ILE B 72 17.30 4.37 5.03
C ILE B 72 16.92 3.18 5.92
N LEU B 73 17.19 1.98 5.40
CA LEU B 73 16.96 0.73 6.12
C LEU B 73 18.19 0.26 6.90
N GLU B 74 17.97 -0.12 8.15
CA GLU B 74 19.02 -0.53 9.07
C GLU B 74 18.76 -1.95 9.46
N ALA B 75 19.66 -2.48 10.28
CA ALA B 75 19.58 -3.84 10.80
C ALA B 75 18.20 -4.15 11.35
N GLY B 76 17.59 -5.23 10.86
CA GLY B 76 16.25 -5.58 11.30
C GLY B 76 15.15 -5.20 10.31
N ASP B 77 15.45 -4.29 9.37
CA ASP B 77 14.42 -3.82 8.46
C ASP B 77 14.21 -4.83 7.35
N ILE B 78 13.02 -4.79 6.76
CA ILE B 78 12.63 -5.74 5.76
C ILE B 78 12.11 -4.96 4.54
N PHE B 79 12.43 -5.48 3.36
CA PHE B 79 11.98 -4.89 2.11
C PHE B 79 11.82 -6.01 1.10
N CYS B 80 11.74 -5.64 -0.17
CA CYS B 80 11.40 -6.56 -1.24
C CYS B 80 11.77 -5.96 -2.60
N THR B 81 11.86 -6.81 -3.60
CA THR B 81 12.10 -6.35 -4.94
C THR B 81 10.73 -6.14 -5.62
N HIS B 82 10.67 -5.69 -6.86
CA HIS B 82 9.35 -5.45 -7.49
C HIS B 82 8.61 -4.23 -6.90
N THR B 83 9.38 -3.22 -6.46
CA THR B 83 8.79 -1.93 -6.15
C THR B 83 9.30 -0.95 -7.20
N ARG B 84 8.84 0.30 -7.12
CA ARG B 84 9.42 1.40 -7.90
C ARG B 84 10.88 1.67 -7.57
N ALA B 85 11.34 1.22 -6.40
CA ALA B 85 12.54 1.74 -5.75
C ALA B 85 13.83 1.04 -6.12
N PHE B 86 14.89 1.84 -6.17
CA PHE B 86 16.25 1.36 -6.13
C PHE B 86 16.73 1.25 -4.67
N ILE B 87 17.72 0.38 -4.49
CA ILE B 87 18.23 0.03 -3.18
C ILE B 87 19.74 0.02 -3.31
N GLN B 88 20.39 0.85 -2.50
CA GLN B 88 21.81 1.05 -2.52
C GLN B 88 22.44 1.01 -1.14
N ALA B 89 23.45 0.16 -0.96
CA ALA B 89 24.28 0.17 0.24
C ALA B 89 24.97 1.52 0.44
N MET B 90 24.81 2.03 1.64
CA MET B 90 25.49 3.24 2.07
C MET B 90 26.75 2.92 2.86
N GLU B 91 26.95 1.66 3.17
CA GLU B 91 28.19 1.24 3.81
C GLU B 91 28.27 -0.25 3.55
N ASP B 92 29.35 -0.91 3.91
CA ASP B 92 29.40 -2.34 3.66
C ASP B 92 28.21 -2.93 4.39
N THR B 93 27.43 -3.73 3.70
CA THR B 93 26.22 -4.23 4.32
C THR B 93 26.03 -5.67 4.01
N THR B 94 25.25 -6.31 4.87
CA THR B 94 24.90 -7.71 4.73
C THR B 94 23.39 -7.83 4.79
N ILE B 95 22.83 -8.63 3.87
CA ILE B 95 21.41 -8.88 3.85
C ILE B 95 21.13 -10.36 3.89
N LEU B 96 19.96 -10.74 4.36
CA LEU B 96 19.43 -12.09 4.18
C LEU B 96 18.23 -12.03 3.25
N TYR B 97 18.20 -12.87 2.24
CA TYR B 97 17.09 -12.83 1.30
C TYR B 97 16.52 -14.24 1.09
N THR B 98 15.24 -14.30 0.76
CA THR B 98 14.66 -15.52 0.21
C THR B 98 13.62 -15.13 -0.84
N ASP B 99 13.20 -16.11 -1.63
CA ASP B 99 12.23 -15.93 -2.71
C ASP B 99 10.83 -15.71 -2.14
N ILE B 100 10.02 -14.91 -2.84
CA ILE B 100 8.65 -14.60 -2.40
C ILE B 100 7.79 -15.84 -2.07
N ARG B 101 7.99 -16.95 -2.79
CA ARG B 101 7.30 -18.20 -2.50
C ARG B 101 7.74 -18.83 -1.16
N ASN B 102 9.04 -18.86 -0.91
CA ASN B 102 9.56 -19.34 0.37
C ASN B 102 9.08 -18.51 1.55
N PHE B 103 9.16 -17.19 1.41
CA PHE B 103 8.70 -16.25 2.45
C PHE B 103 7.23 -16.49 2.80
N GLN B 104 6.39 -16.74 1.79
CA GLN B 104 5.00 -17.12 2.05
C GLN B 104 4.82 -18.48 2.76
N ASN B 105 5.64 -19.47 2.40
CA ASN B 105 5.66 -20.76 3.11
C ASN B 105 6.10 -20.59 4.58
N ILE B 106 7.09 -19.74 4.82
CA ILE B 106 7.54 -19.37 6.16
C ILE B 106 6.38 -18.74 6.96
N VAL B 107 5.78 -17.70 6.38
CA VAL B 107 4.69 -16.96 7.01
C VAL B 107 3.52 -17.88 7.37
N VAL B 108 3.31 -18.93 6.58
CA VAL B 108 2.24 -19.90 6.81
C VAL B 108 2.66 -20.98 7.82
N GLU B 109 3.92 -21.41 7.77
CA GLU B 109 4.42 -22.39 8.75
C GLU B 109 4.56 -21.81 10.15
N PHE B 110 4.88 -20.51 10.20
CA PHE B 110 5.19 -19.75 11.42
C PHE B 110 4.41 -18.42 11.42
N PRO B 111 3.08 -18.47 11.67
CA PRO B 111 2.27 -17.29 11.41
C PRO B 111 2.64 -16.10 12.30
N ALA B 112 3.28 -16.37 13.45
CA ALA B 112 3.63 -15.30 14.41
C ALA B 112 4.80 -14.48 13.93
N PHE B 113 5.60 -15.07 13.04
CA PHE B 113 6.67 -14.32 12.37
C PHE B 113 6.17 -13.05 11.66
N SER B 114 4.97 -13.11 11.11
CA SER B 114 4.30 -11.96 10.52
C SER B 114 4.07 -10.81 11.48
N LEU B 115 3.85 -11.12 12.77
CA LEU B 115 3.56 -10.07 13.74
C LEU B 115 4.79 -9.22 13.95
N ASN B 116 5.94 -9.88 14.04
CA ASN B 116 7.25 -9.24 14.03
C ASN B 116 7.49 -8.50 12.70
N MET B 117 7.08 -9.11 11.58
CA MET B 117 7.25 -8.50 10.26
C MET B 117 6.48 -7.18 10.20
N VAL B 118 5.18 -7.24 10.51
CA VAL B 118 4.31 -6.05 10.49
C VAL B 118 4.83 -4.88 11.34
N LYS B 119 5.31 -5.18 12.56
CA LYS B 119 5.87 -4.15 13.43
C LYS B 119 6.97 -3.36 12.78
N VAL B 120 7.86 -4.02 12.02
CA VAL B 120 8.96 -3.30 11.36
C VAL B 120 8.48 -2.58 10.09
N LEU B 121 7.67 -3.26 9.30
CA LEU B 121 7.04 -2.72 8.12
C LEU B 121 6.24 -1.43 8.43
N GLY B 122 5.53 -1.45 9.55
CA GLY B 122 4.77 -0.32 10.07
C GLY B 122 5.57 0.95 10.19
N ASP B 123 6.80 0.84 10.69
CA ASP B 123 7.72 1.98 10.78
C ASP B 123 8.01 2.53 9.38
N LEU B 124 8.16 1.64 8.40
CA LEU B 124 8.47 2.13 7.05
C LEU B 124 7.27 2.84 6.45
N LEU B 125 6.06 2.29 6.64
CA LEU B 125 4.81 2.86 6.15
C LEU B 125 4.56 4.20 6.77
N LYS B 126 4.86 4.34 8.05
CA LYS B 126 4.67 5.57 8.78
C LYS B 126 5.49 6.61 8.05
N LEU B 127 6.73 6.25 7.83
CA LEU B 127 7.69 7.07 7.16
C LEU B 127 7.22 7.54 5.78
N LEU B 128 6.71 6.60 4.98
CA LEU B 128 6.24 6.93 3.64
C LEU B 128 5.00 7.82 3.67
N LEU B 129 4.11 7.66 4.67
CA LEU B 129 2.94 8.51 4.79
C LEU B 129 3.30 9.95 5.20
N THR B 130 4.34 10.08 6.03
CA THR B 130 4.92 11.37 6.34
C THR B 130 5.42 12.09 5.06
N ILE B 131 6.10 11.35 4.18
CA ILE B 131 6.50 11.89 2.87
C ILE B 131 5.28 12.36 2.07
N ILE B 132 4.24 11.52 1.96
CA ILE B 132 3.05 11.86 1.21
C ILE B 132 2.40 13.15 1.74
N ASN B 133 2.13 13.19 3.04
CA ASN B 133 1.66 14.38 3.73
C ASN B 133 2.48 15.63 3.34
N GLY B 134 3.81 15.52 3.40
CA GLY B 134 4.69 16.65 3.09
C GLY B 134 4.59 17.10 1.65
N LEU B 135 4.40 16.16 0.73
CA LEU B 135 4.22 16.46 -0.71
C LEU B 135 2.84 16.99 -1.10
N VAL B 136 1.77 16.57 -0.43
CA VAL B 136 0.44 16.94 -0.94
C VAL B 136 -0.12 18.23 -0.34
N PHE B 137 0.41 18.63 0.80
CA PHE B 137 -0.13 19.73 1.55
C PHE B 137 0.83 20.91 1.61
N LYS B 138 1.75 21.04 0.67
CA LYS B 138 2.55 22.24 0.64
C LYS B 138 1.72 23.42 0.12
N ASP B 139 2.06 24.60 0.61
CA ASP B 139 1.29 25.83 0.32
C ASP B 139 1.59 26.46 -1.04
N ALA B 140 1.90 27.76 -1.04
CA ALA B 140 2.30 28.50 -2.25
C ALA B 140 3.74 28.21 -2.69
N ARG B 141 4.49 27.43 -1.89
CA ARG B 141 5.86 27.07 -2.23
C ARG B 141 5.93 26.12 -3.40
N LEU B 142 4.78 25.61 -3.84
CA LEU B 142 4.70 24.73 -5.01
C LEU B 142 5.18 25.47 -6.30
N ARG B 143 4.81 26.74 -6.42
CA ARG B 143 5.17 27.53 -7.60
C ARG B 143 6.23 28.62 -7.28
N LEU B 144 6.99 28.37 -6.21
CA LEU B 144 8.06 29.27 -5.76
C LEU B 144 9.34 28.46 -5.70
N ALA B 145 9.22 27.23 -5.23
CA ALA B 145 10.25 26.19 -5.39
C ALA B 145 10.22 25.65 -6.82
N GLU B 146 9.31 26.20 -7.64
CA GLU B 146 9.25 25.93 -9.08
C GLU B 146 10.35 26.75 -9.76
N PHE B 147 10.72 27.86 -9.13
CA PHE B 147 11.83 28.69 -9.61
C PHE B 147 13.18 28.35 -8.96
N LEU B 148 13.14 27.61 -7.85
CA LEU B 148 14.34 26.99 -7.29
C LEU B 148 14.92 25.97 -8.27
N VAL B 149 14.05 25.13 -8.82
CA VAL B 149 14.41 24.13 -9.81
C VAL B 149 13.77 24.48 -11.15
#